data_7Y9O
#
_entry.id   7Y9O
#
_cell.length_a   47.870
_cell.length_b   62.602
_cell.length_c   140.526
_cell.angle_alpha   90.000
_cell.angle_beta   90.000
_cell.angle_gamma   90.000
#
_symmetry.space_group_name_H-M   'P 21 21 21'
#
loop_
_entity.id
_entity.type
_entity.pdbx_description
1 polymer 'Cytochrome P450 monooxygenase YjiB'
2 non-polymer 'PROTOPORPHYRIN IX CONTAINING FE'
3 non-polymer IMIDAZOLE
4 non-polymer 'CALCIUM ION'
5 water water
#
_entity_poly.entity_id   1
_entity_poly.type   'polypeptide(L)'
_entity_poly.pdbx_seq_one_letter_code
;GMNSAKQQNPIQKALLNGKNRQDPYDPFPWYEKMRKESPVYYDEDSKVWSVFLYDDVKRVISDKDFFSNQFPQLESGNTF
AKTMLSMDPPKHTRIRSIVSKAFTPRIMKEWEPRIRVLTDELLGKARGRDEIDLVQDFSYPLPVMVISELLGVPSEHKEK
FKEWSDLLVSLPKSAYEEDVMEWRTIRNKGEEDLSAFFENVIEEKRRNLGDDIISLLIQAEEDGDRLSPDELVPFCNLLL
VAGNETTTNLISNMVYSILEKPGTFDELANQPDLIPQAVEEAVRFRAPAPFTSRIVQQDTAIRGVNLKKGEGVIAFLASA
NRDEAAFERAHEFDIHRHPNRHIGFGHGIHFCLGAPLARLETKIALEALLKQYSAMETISTEPMANSFMYGLKHFRLHVK
EALLSS
;
_entity_poly.pdbx_strand_id   A
#
loop_
_chem_comp.id
_chem_comp.type
_chem_comp.name
_chem_comp.formula
CA non-polymer 'CALCIUM ION' 'Ca 2'
HEM non-polymer 'PROTOPORPHYRIN IX CONTAINING FE' 'C34 H32 Fe N4 O4'
IMD non-polymer IMIDAZOLE 'C3 H5 N2 1'
#
# COMPACT_ATOMS: atom_id res chain seq x y z
N GLN A 8 19.65 9.25 -9.64
CA GLN A 8 20.65 8.16 -9.91
C GLN A 8 20.07 6.78 -9.57
N ASN A 9 18.80 6.70 -9.13
CA ASN A 9 18.05 5.45 -8.96
C ASN A 9 17.35 5.20 -10.29
N PRO A 10 17.75 4.19 -11.08
CA PRO A 10 17.09 3.95 -12.38
C PRO A 10 15.58 3.72 -12.22
N ILE A 11 15.11 2.99 -11.21
CA ILE A 11 13.65 2.72 -11.01
C ILE A 11 12.93 4.04 -10.76
N GLN A 12 13.51 4.89 -9.93
CA GLN A 12 12.95 6.23 -9.64
C GLN A 12 12.89 7.02 -10.96
N LYS A 13 13.97 7.05 -11.73
CA LYS A 13 13.95 7.82 -13.00
C LYS A 13 12.81 7.32 -13.88
N ALA A 14 12.65 5.99 -14.02
CA ALA A 14 11.64 5.36 -14.90
C ALA A 14 10.23 5.78 -14.49
N LEU A 15 9.95 5.86 -13.17
CA LEU A 15 8.65 6.36 -12.64
C LEU A 15 8.49 7.86 -13.00
N LEU A 16 9.54 8.68 -12.79
CA LEU A 16 9.54 10.13 -13.12
C LEU A 16 9.35 10.32 -14.63
N ASN A 17 9.87 9.40 -15.45
CA ASN A 17 9.73 9.47 -16.93
C ASN A 17 8.38 8.98 -17.43
N GLY A 18 7.59 8.26 -16.62
CA GLY A 18 6.37 7.61 -17.12
C GLY A 18 5.17 7.84 -16.24
N LYS A 19 4.96 6.91 -15.32
CA LYS A 19 3.88 6.93 -14.31
C LYS A 19 3.66 8.36 -13.81
N ASN A 20 4.73 9.01 -13.38
CA ASN A 20 4.67 10.26 -12.56
C ASN A 20 4.42 11.48 -13.45
N ARG A 21 4.48 11.31 -14.77
CA ARG A 21 4.09 12.35 -15.77
C ARG A 21 2.59 12.33 -16.02
N GLN A 22 1.86 11.35 -15.49
CA GLN A 22 0.40 11.23 -15.70
C GLN A 22 -0.36 11.91 -14.56
N ASP A 23 -1.64 12.23 -14.77
CA ASP A 23 -2.54 12.72 -13.71
C ASP A 23 -2.33 11.86 -12.47
N PRO A 24 -1.99 12.43 -11.30
CA PRO A 24 -1.67 11.62 -10.12
C PRO A 24 -2.83 10.70 -9.67
N TYR A 25 -4.09 11.10 -9.84
CA TYR A 25 -5.25 10.28 -9.44
C TYR A 25 -5.90 9.62 -10.67
N ASP A 26 -5.37 9.84 -11.87
CA ASP A 26 -5.94 9.16 -13.06
C ASP A 26 -4.84 8.75 -14.03
N PRO A 27 -4.02 7.75 -13.63
CA PRO A 27 -3.03 7.11 -14.52
C PRO A 27 -3.62 6.07 -15.51
N PHE A 28 -4.92 5.84 -15.44
CA PHE A 28 -5.59 4.66 -16.04
C PHE A 28 -5.66 4.76 -17.55
N PRO A 29 -5.97 5.92 -18.18
CA PRO A 29 -5.85 6.06 -19.63
C PRO A 29 -4.41 5.80 -20.09
N TRP A 30 -3.42 6.19 -19.28
CA TRP A 30 -2.00 5.97 -19.63
C TRP A 30 -1.70 4.48 -19.62
N TYR A 31 -2.12 3.79 -18.55
CA TYR A 31 -1.98 2.31 -18.48
C TYR A 31 -2.65 1.65 -19.68
N GLU A 32 -3.86 2.07 -20.03
CA GLU A 32 -4.57 1.51 -21.22
C GLU A 32 -3.72 1.71 -22.49
N LYS A 33 -3.23 2.93 -22.69
CA LYS A 33 -2.37 3.30 -23.85
C LYS A 33 -1.15 2.37 -23.87
N MET A 34 -0.55 2.08 -22.71
CA MET A 34 0.66 1.23 -22.67
C MET A 34 0.30 -0.23 -22.93
N ARG A 35 -0.82 -0.70 -22.38
CA ARG A 35 -1.31 -2.07 -22.57
C ARG A 35 -1.43 -2.32 -24.07
N LYS A 36 -1.97 -1.33 -24.79
CA LYS A 36 -2.47 -1.51 -26.18
C LYS A 36 -1.33 -1.31 -27.15
N GLU A 37 -0.41 -0.39 -26.86
CA GLU A 37 0.62 0.09 -27.79
C GLU A 37 2.00 -0.42 -27.40
N SER A 38 2.34 -0.52 -26.10
CA SER A 38 3.70 -0.90 -25.64
C SER A 38 3.62 -1.65 -24.30
N PRO A 39 3.01 -2.85 -24.32
CA PRO A 39 2.80 -3.62 -23.10
C PRO A 39 4.12 -4.03 -22.44
N VAL A 40 5.20 -4.13 -23.22
CA VAL A 40 6.57 -4.37 -22.69
C VAL A 40 7.50 -3.28 -23.18
N TYR A 41 7.75 -2.29 -22.33
CA TYR A 41 8.24 -0.96 -22.72
C TYR A 41 9.63 -0.78 -22.12
N TYR A 42 10.60 -0.46 -22.96
CA TYR A 42 11.95 -0.06 -22.52
C TYR A 42 12.00 1.47 -22.46
N ASP A 43 12.24 2.00 -21.25
CA ASP A 43 12.60 3.42 -21.04
C ASP A 43 14.09 3.57 -21.32
N GLU A 44 14.44 4.18 -22.45
CA GLU A 44 15.84 4.31 -22.90
C GLU A 44 16.58 5.27 -21.98
N ASP A 45 15.87 6.27 -21.49
CA ASP A 45 16.49 7.25 -20.56
C ASP A 45 16.97 6.52 -19.30
N SER A 46 16.11 5.73 -18.69
CA SER A 46 16.36 5.14 -17.34
C SER A 46 17.02 3.77 -17.48
N LYS A 47 16.94 3.13 -18.65
CA LYS A 47 17.40 1.73 -18.84
C LYS A 47 16.49 0.76 -18.07
N VAL A 48 15.18 1.01 -17.97
CA VAL A 48 14.26 0.19 -17.14
C VAL A 48 13.08 -0.22 -17.98
N TRP A 49 12.67 -1.48 -17.82
CA TRP A 49 11.49 -2.06 -18.47
C TRP A 49 10.28 -1.74 -17.63
N SER A 50 9.14 -1.58 -18.29
CA SER A 50 7.80 -1.55 -17.66
C SER A 50 6.92 -2.57 -18.34
N VAL A 51 6.14 -3.33 -17.56
CA VAL A 51 5.16 -4.30 -18.10
C VAL A 51 3.77 -3.94 -17.55
N PHE A 52 2.76 -4.11 -18.40
CA PHE A 52 1.42 -3.51 -18.20
C PHE A 52 0.35 -4.58 -18.21
N LEU A 53 0.58 -5.71 -18.89
CA LEU A 53 -0.48 -6.74 -19.09
C LEU A 53 -0.44 -7.72 -17.93
N TYR A 54 -1.61 -8.28 -17.59
CA TYR A 54 -1.86 -9.09 -16.39
C TYR A 54 -0.86 -10.25 -16.36
N ASP A 55 -0.72 -11.00 -17.46
CA ASP A 55 0.09 -12.23 -17.44
C ASP A 55 1.56 -11.84 -17.24
N ASP A 56 1.99 -10.70 -17.78
CA ASP A 56 3.44 -10.36 -17.77
C ASP A 56 3.78 -9.74 -16.41
N VAL A 57 2.90 -8.92 -15.86
CA VAL A 57 3.06 -8.38 -14.49
C VAL A 57 3.05 -9.55 -13.50
N LYS A 58 2.06 -10.43 -13.61
CA LYS A 58 1.94 -11.58 -12.70
C LYS A 58 3.22 -12.41 -12.76
N ARG A 59 3.79 -12.62 -13.94
CA ARG A 59 5.05 -13.41 -14.10
C ARG A 59 6.24 -12.67 -13.49
N VAL A 60 6.39 -11.42 -13.79
CA VAL A 60 7.52 -10.62 -13.26
C VAL A 60 7.50 -10.66 -11.72
N ILE A 61 6.37 -10.45 -11.08
CA ILE A 61 6.35 -10.37 -9.58
C ILE A 61 6.51 -11.77 -8.93
N SER A 62 6.22 -12.87 -9.64
CA SER A 62 6.12 -14.22 -9.02
C SER A 62 7.23 -15.15 -9.53
N ASP A 63 7.79 -14.86 -10.70
CA ASP A 63 8.74 -15.82 -11.34
C ASP A 63 10.13 -15.53 -10.78
N LYS A 64 10.36 -15.90 -9.53
CA LYS A 64 11.60 -15.59 -8.78
C LYS A 64 12.83 -16.26 -9.41
N ASP A 65 12.65 -17.32 -10.21
CA ASP A 65 13.76 -17.94 -10.98
C ASP A 65 14.40 -16.90 -11.89
N PHE A 66 13.65 -15.91 -12.38
CA PHE A 66 14.14 -14.91 -13.36
C PHE A 66 14.13 -13.50 -12.77
N PHE A 67 13.23 -13.21 -11.83
CA PHE A 67 13.01 -11.82 -11.34
C PHE A 67 13.20 -11.72 -9.83
N SER A 68 14.29 -11.07 -9.48
CA SER A 68 14.84 -10.89 -8.11
C SER A 68 14.29 -9.60 -7.49
N ASN A 69 14.18 -9.62 -6.18
CA ASN A 69 13.83 -8.43 -5.37
C ASN A 69 15.04 -7.61 -4.94
N GLN A 70 16.28 -7.96 -5.32
CA GLN A 70 17.50 -7.41 -4.70
C GLN A 70 18.25 -6.60 -5.72
N PHE A 71 18.31 -5.28 -5.53
CA PHE A 71 18.97 -4.27 -6.42
C PHE A 71 20.38 -3.96 -5.91
N PRO A 72 21.32 -3.63 -6.82
CA PRO A 72 22.60 -3.05 -6.41
C PRO A 72 22.39 -1.80 -5.54
N PHE A 80 14.66 0.34 3.98
CA PHE A 80 13.80 -0.57 3.16
C PHE A 80 14.65 -1.57 2.37
N ALA A 81 15.87 -1.16 1.98
CA ALA A 81 16.94 -2.03 1.44
C ALA A 81 17.28 -3.20 2.38
N LYS A 82 17.07 -3.02 3.68
CA LYS A 82 17.43 -4.04 4.70
C LYS A 82 16.13 -4.61 5.27
N THR A 83 15.16 -4.84 4.40
CA THR A 83 13.87 -5.45 4.77
C THR A 83 13.58 -6.61 3.82
N MET A 84 12.57 -7.40 4.16
CA MET A 84 12.20 -8.62 3.37
C MET A 84 11.83 -8.19 1.94
N LEU A 85 11.38 -6.95 1.78
CA LEU A 85 10.94 -6.44 0.45
C LEU A 85 12.11 -6.49 -0.53
N SER A 86 13.35 -6.27 -0.09
CA SER A 86 14.55 -6.20 -0.96
C SER A 86 15.40 -7.45 -0.82
N MET A 87 14.80 -8.55 -0.40
CA MET A 87 15.58 -9.79 -0.17
C MET A 87 15.03 -10.95 -1.00
N ASP A 88 15.91 -11.86 -1.37
CA ASP A 88 15.58 -13.15 -2.04
C ASP A 88 15.84 -14.26 -1.03
N PRO A 89 15.18 -15.42 -1.21
CA PRO A 89 15.56 -16.65 -0.49
C PRO A 89 17.06 -16.86 -0.71
N PRO A 90 17.73 -17.57 0.22
CA PRO A 90 17.09 -18.12 1.43
C PRO A 90 16.82 -17.10 2.56
N LYS A 91 17.58 -16.00 2.62
CA LYS A 91 17.40 -15.02 3.71
C LYS A 91 15.95 -14.48 3.78
N HIS A 92 15.33 -14.20 2.64
CA HIS A 92 13.92 -13.72 2.66
C HIS A 92 13.03 -14.62 3.51
N THR A 93 13.15 -15.95 3.34
CA THR A 93 12.24 -16.87 4.04
C THR A 93 12.40 -16.75 5.55
N ARG A 94 13.63 -16.66 6.02
CA ARG A 94 13.89 -16.54 7.49
C ARG A 94 13.33 -15.24 8.05
N ILE A 95 13.49 -14.15 7.33
CA ILE A 95 13.08 -12.81 7.86
C ILE A 95 11.55 -12.77 7.90
N ARG A 96 10.92 -13.16 6.80
CA ARG A 96 9.43 -13.16 6.72
C ARG A 96 8.85 -14.09 7.80
N SER A 97 9.47 -15.25 8.05
CA SER A 97 8.94 -16.24 9.03
CA SER A 97 8.94 -16.24 9.03
C SER A 97 8.96 -15.66 10.45
N ILE A 98 9.73 -14.60 10.67
CA ILE A 98 9.78 -13.97 12.02
C ILE A 98 8.37 -13.48 12.35
N VAL A 99 7.65 -12.90 11.37
CA VAL A 99 6.34 -12.27 11.63
C VAL A 99 5.20 -12.96 10.86
N SER A 100 5.46 -13.97 10.03
CA SER A 100 4.41 -14.60 9.19
C SER A 100 3.22 -14.97 10.07
N LYS A 101 3.44 -15.71 11.16
CA LYS A 101 2.36 -16.20 12.05
C LYS A 101 1.56 -15.02 12.63
N ALA A 102 2.23 -13.94 12.99
CA ALA A 102 1.65 -12.77 13.67
C ALA A 102 0.66 -12.01 12.76
N PHE A 103 0.70 -12.22 11.43
CA PHE A 103 -0.09 -11.43 10.46
C PHE A 103 -1.16 -12.30 9.79
N THR A 104 -1.36 -13.53 10.29
CA THR A 104 -2.32 -14.49 9.69
C THR A 104 -3.74 -13.95 9.87
N PRO A 105 -4.69 -14.33 9.00
CA PRO A 105 -6.07 -13.90 9.19
C PRO A 105 -6.56 -14.17 10.61
N ARG A 106 -6.23 -15.34 11.17
CA ARG A 106 -6.79 -15.78 12.47
C ARG A 106 -6.26 -14.92 13.60
N ILE A 107 -4.97 -14.52 13.56
CA ILE A 107 -4.43 -13.60 14.58
C ILE A 107 -5.01 -12.20 14.37
N MET A 108 -5.06 -11.71 13.14
CA MET A 108 -5.59 -10.36 12.90
C MET A 108 -7.08 -10.37 13.32
N LYS A 109 -7.80 -11.47 13.17
CA LYS A 109 -9.24 -11.50 13.59
C LYS A 109 -9.39 -11.10 15.06
N GLU A 110 -8.40 -11.40 15.92
CA GLU A 110 -8.47 -11.02 17.36
C GLU A 110 -8.54 -9.50 17.52
N TRP A 111 -8.10 -8.75 16.52
CA TRP A 111 -8.13 -7.27 16.57
C TRP A 111 -9.48 -6.67 16.14
N GLU A 112 -10.39 -7.45 15.55
CA GLU A 112 -11.66 -6.90 14.96
C GLU A 112 -12.38 -6.04 16.00
N PRO A 113 -12.52 -6.48 17.27
CA PRO A 113 -13.16 -5.66 18.31
C PRO A 113 -12.48 -4.30 18.53
N ARG A 114 -11.15 -4.29 18.65
CA ARG A 114 -10.37 -3.07 18.89
C ARG A 114 -10.49 -2.15 17.67
N ILE A 115 -10.39 -2.68 16.45
CA ILE A 115 -10.49 -1.90 15.19
C ILE A 115 -11.90 -1.28 15.10
N ARG A 116 -12.95 -2.03 15.46
CA ARG A 116 -14.33 -1.49 15.55
C ARG A 116 -14.41 -0.28 16.50
N VAL A 117 -13.84 -0.41 17.68
CA VAL A 117 -13.81 0.67 18.71
C VAL A 117 -13.07 1.91 18.15
N LEU A 118 -11.89 1.72 17.59
CA LEU A 118 -11.08 2.84 17.03
C LEU A 118 -11.86 3.56 15.92
N THR A 119 -12.51 2.79 15.05
CA THR A 119 -13.33 3.25 13.90
C THR A 119 -14.52 4.02 14.46
N ASP A 120 -15.17 3.47 15.49
CA ASP A 120 -16.34 4.08 16.19
CA ASP A 120 -16.36 4.11 16.09
C ASP A 120 -15.95 5.43 16.77
N GLU A 121 -14.83 5.45 17.49
CA GLU A 121 -14.32 6.66 18.17
C GLU A 121 -14.06 7.78 17.17
N LEU A 122 -13.46 7.43 16.03
CA LEU A 122 -13.19 8.44 14.99
C LEU A 122 -14.52 9.00 14.45
N LEU A 123 -15.47 8.15 14.09
CA LEU A 123 -16.74 8.65 13.49
C LEU A 123 -17.52 9.37 14.60
N GLY A 124 -17.40 8.90 15.84
CA GLY A 124 -17.86 9.62 17.04
C GLY A 124 -17.49 11.09 16.99
N LYS A 125 -16.21 11.42 16.74
CA LYS A 125 -15.64 12.79 16.86
C LYS A 125 -16.08 13.64 15.66
N ALA A 126 -16.35 12.99 14.53
CA ALA A 126 -16.91 13.60 13.31
C ALA A 126 -18.40 13.95 13.50
N ARG A 127 -19.10 13.35 14.47
CA ARG A 127 -20.57 13.53 14.70
C ARG A 127 -20.95 15.02 14.69
N GLY A 128 -22.09 15.34 14.08
CA GLY A 128 -22.67 16.70 14.06
C GLY A 128 -22.03 17.58 13.00
N ARG A 129 -21.16 17.04 12.14
CA ARG A 129 -20.53 17.83 11.06
C ARG A 129 -21.20 17.52 9.71
N ASP A 130 -21.45 18.53 8.87
CA ASP A 130 -22.03 18.36 7.51
C ASP A 130 -20.92 18.17 6.45
N GLU A 131 -19.66 18.46 6.78
CA GLU A 131 -18.49 18.14 5.90
C GLU A 131 -17.39 17.48 6.74
N ILE A 132 -16.78 16.41 6.20
CA ILE A 132 -15.60 15.73 6.80
C ILE A 132 -14.47 15.67 5.76
N ASP A 133 -13.22 15.65 6.26
CA ASP A 133 -12.04 15.31 5.41
C ASP A 133 -11.81 13.84 5.71
N LEU A 134 -12.24 12.97 4.82
CA LEU A 134 -12.14 11.51 5.06
C LEU A 134 -10.72 11.16 5.50
N VAL A 135 -9.72 11.75 4.88
CA VAL A 135 -8.32 11.33 5.11
C VAL A 135 -7.90 11.80 6.51
N GLN A 136 -8.03 13.10 6.79
CA GLN A 136 -7.62 13.70 8.10
C GLN A 136 -8.45 13.12 9.25
N ASP A 137 -9.77 12.97 9.06
CA ASP A 137 -10.75 12.64 10.13
C ASP A 137 -10.88 11.14 10.36
N PHE A 138 -10.37 10.30 9.46
CA PHE A 138 -10.82 8.88 9.44
C PHE A 138 -9.79 7.93 8.80
N SER A 139 -9.53 8.05 7.50
CA SER A 139 -8.83 6.96 6.77
C SER A 139 -7.31 6.97 7.11
N TYR A 140 -6.75 8.09 7.54
CA TYR A 140 -5.34 8.17 8.02
C TYR A 140 -5.32 7.73 9.49
N PRO A 141 -6.09 8.32 10.44
CA PRO A 141 -5.91 7.98 11.86
C PRO A 141 -6.16 6.50 12.20
N LEU A 142 -7.16 5.85 11.60
CA LEU A 142 -7.51 4.46 12.00
C LEU A 142 -6.35 3.50 11.71
N PRO A 143 -5.82 3.39 10.47
CA PRO A 143 -4.69 2.49 10.21
C PRO A 143 -3.40 2.80 10.99
N VAL A 144 -3.12 4.10 11.26
CA VAL A 144 -1.92 4.56 12.00
C VAL A 144 -2.11 4.09 13.45
N MET A 145 -3.35 4.16 13.97
CA MET A 145 -3.60 3.77 15.36
C MET A 145 -3.52 2.25 15.50
N VAL A 146 -4.13 1.51 14.60
CA VAL A 146 -4.08 0.01 14.63
C VAL A 146 -2.61 -0.44 14.51
N ILE A 147 -1.85 0.12 13.57
CA ILE A 147 -0.45 -0.35 13.33
C ILE A 147 0.44 0.04 14.51
N SER A 148 0.23 1.21 15.11
CA SER A 148 0.86 1.65 16.38
C SER A 148 0.58 0.63 17.50
N GLU A 149 -0.67 0.24 17.70
CA GLU A 149 -0.99 -0.72 18.79
C GLU A 149 -0.39 -2.09 18.49
N LEU A 150 -0.37 -2.54 17.23
CA LEU A 150 0.16 -3.87 16.89
C LEU A 150 1.66 -3.85 17.12
N LEU A 151 2.34 -2.81 16.66
CA LEU A 151 3.81 -2.71 16.78
C LEU A 151 4.19 -2.58 18.25
N GLY A 152 3.42 -1.78 19.00
CA GLY A 152 3.73 -1.47 20.40
C GLY A 152 4.35 -0.12 20.60
N VAL A 153 3.92 0.89 19.83
CA VAL A 153 4.34 2.31 20.01
C VAL A 153 3.10 3.12 20.35
N PRO A 154 3.27 4.27 21.03
CA PRO A 154 2.14 5.16 21.32
C PRO A 154 1.52 5.72 20.04
N SER A 155 0.21 5.61 19.87
CA SER A 155 -0.52 6.15 18.69
C SER A 155 -0.68 7.68 18.78
N GLU A 156 -0.30 8.26 19.92
CA GLU A 156 -0.35 9.75 20.09
C GLU A 156 0.64 10.41 19.14
N HIS A 157 1.48 9.62 18.48
CA HIS A 157 2.52 10.13 17.56
C HIS A 157 2.01 10.03 16.12
N LYS A 158 0.72 9.79 15.93
CA LYS A 158 0.20 9.50 14.56
C LYS A 158 0.49 10.66 13.61
N GLU A 159 0.37 11.91 14.03
CA GLU A 159 0.60 13.01 13.06
C GLU A 159 2.05 12.97 12.55
N LYS A 160 3.00 12.72 13.44
CA LYS A 160 4.42 12.62 13.01
C LYS A 160 4.60 11.34 12.18
N PHE A 161 3.90 10.26 12.57
CA PHE A 161 4.00 8.98 11.84
C PHE A 161 3.57 9.23 10.39
N LYS A 162 2.45 9.92 10.25
CA LYS A 162 1.88 10.24 8.93
C LYS A 162 2.88 11.08 8.13
N GLU A 163 3.48 12.09 8.74
CA GLU A 163 4.44 12.99 8.08
C GLU A 163 5.64 12.17 7.55
N TRP A 164 6.23 11.35 8.41
CA TRP A 164 7.37 10.48 8.06
C TRP A 164 6.99 9.45 6.99
N SER A 165 5.81 8.83 7.11
CA SER A 165 5.34 7.76 6.19
C SER A 165 5.21 8.37 4.80
N ASP A 166 4.62 9.57 4.72
CA ASP A 166 4.34 10.28 3.45
C ASP A 166 5.68 10.60 2.76
N LEU A 167 6.70 10.96 3.52
CA LEU A 167 8.06 11.19 3.00
C LEU A 167 8.70 9.89 2.50
N LEU A 168 8.60 8.82 3.28
CA LEU A 168 9.31 7.56 2.95
C LEU A 168 8.70 6.88 1.70
N VAL A 169 7.50 7.23 1.29
CA VAL A 169 6.91 6.68 0.03
C VAL A 169 6.82 7.79 -1.04
N SER A 170 7.43 8.94 -0.83
CA SER A 170 7.38 10.09 -1.78
C SER A 170 8.40 9.90 -2.90
N LEU A 171 8.24 10.66 -3.96
CA LEU A 171 9.17 10.74 -5.09
C LEU A 171 9.44 12.21 -5.33
N PRO A 172 10.58 12.57 -5.95
CA PRO A 172 10.86 13.97 -6.25
C PRO A 172 9.76 14.49 -7.16
N LYS A 173 9.56 15.81 -7.21
CA LYS A 173 8.43 16.43 -7.96
C LYS A 173 8.74 16.35 -9.46
N SER A 174 9.99 16.10 -9.84
CA SER A 174 10.40 15.95 -11.25
C SER A 174 11.75 15.29 -11.33
N ALA A 175 12.17 15.02 -12.56
CA ALA A 175 13.47 14.41 -12.88
C ALA A 175 14.59 15.45 -12.77
N TYR A 176 14.25 16.73 -12.57
CA TYR A 176 15.24 17.84 -12.53
C TYR A 176 16.16 17.69 -11.30
N GLU A 177 17.48 17.85 -11.50
CA GLU A 177 18.49 17.46 -10.49
C GLU A 177 18.23 18.23 -9.17
N GLU A 178 17.77 19.49 -9.25
CA GLU A 178 17.55 20.37 -8.07
C GLU A 178 16.35 19.81 -7.26
N ASP A 179 15.26 19.44 -7.93
CA ASP A 179 14.06 18.82 -7.31
C ASP A 179 14.48 17.49 -6.66
N VAL A 180 15.21 16.65 -7.38
CA VAL A 180 15.75 15.36 -6.86
C VAL A 180 16.60 15.61 -5.62
N MET A 181 17.53 16.58 -5.65
CA MET A 181 18.41 16.88 -4.48
C MET A 181 17.57 17.39 -3.31
N GLU A 182 16.71 18.38 -3.53
CA GLU A 182 15.76 18.91 -2.51
C GLU A 182 15.02 17.72 -1.89
N TRP A 183 14.54 16.82 -2.74
CA TRP A 183 13.72 15.68 -2.29
C TRP A 183 14.59 14.73 -1.46
N ARG A 184 15.80 14.43 -1.92
CA ARG A 184 16.72 13.53 -1.19
C ARG A 184 16.95 14.08 0.21
N THR A 185 17.15 15.39 0.34
CA THR A 185 17.49 16.04 1.64
C THR A 185 16.34 15.81 2.60
N ILE A 186 15.12 16.15 2.18
CA ILE A 186 13.93 16.11 3.05
C ILE A 186 13.63 14.66 3.39
N ARG A 187 13.68 13.76 2.42
CA ARG A 187 13.33 12.33 2.67
C ARG A 187 14.34 11.73 3.64
N ASN A 188 15.63 12.00 3.42
CA ASN A 188 16.72 11.46 4.26
C ASN A 188 16.52 11.90 5.70
N LYS A 189 16.12 13.15 5.91
CA LYS A 189 15.90 13.69 7.25
C LYS A 189 14.72 12.98 7.90
N GLY A 190 13.65 12.71 7.15
CA GLY A 190 12.50 11.91 7.64
C GLY A 190 12.94 10.54 8.06
N GLU A 191 13.74 9.91 7.22
CA GLU A 191 14.22 8.54 7.45
C GLU A 191 15.09 8.52 8.72
N GLU A 192 16.04 9.46 8.84
CA GLU A 192 16.88 9.59 10.07
C GLU A 192 16.01 9.71 11.35
N ASP A 193 14.99 10.57 11.38
CA ASP A 193 14.23 10.91 12.59
C ASP A 193 13.29 9.74 12.93
N LEU A 194 12.68 9.11 11.92
CA LEU A 194 11.83 7.94 12.16
C LEU A 194 12.71 6.80 12.69
N SER A 195 13.92 6.67 12.13
CA SER A 195 14.82 5.58 12.55
C SER A 195 15.23 5.81 14.01
N ALA A 196 15.63 7.04 14.37
CA ALA A 196 16.00 7.42 15.76
C ALA A 196 14.85 7.08 16.72
N PHE A 197 13.63 7.40 16.31
CA PHE A 197 12.40 7.06 17.04
C PHE A 197 12.38 5.58 17.36
N PHE A 198 12.53 4.72 16.34
CA PHE A 198 12.37 3.27 16.57
C PHE A 198 13.56 2.78 17.39
N GLU A 199 14.76 3.34 17.17
CA GLU A 199 15.94 2.99 17.98
C GLU A 199 15.60 3.25 19.46
N ASN A 200 14.96 4.38 19.72
CA ASN A 200 14.58 4.74 21.13
C ASN A 200 13.56 3.73 21.64
N VAL A 201 12.60 3.37 20.79
CA VAL A 201 11.53 2.42 21.19
C VAL A 201 12.15 1.06 21.53
N ILE A 202 13.04 0.58 20.66
CA ILE A 202 13.72 -0.74 20.83
C ILE A 202 14.46 -0.74 22.17
N GLU A 203 15.25 0.31 22.40
CA GLU A 203 16.08 0.44 23.62
C GLU A 203 15.15 0.30 24.82
N GLU A 204 13.99 0.97 24.78
CA GLU A 204 13.02 0.92 25.89
C GLU A 204 12.42 -0.50 25.97
N LYS A 205 12.04 -1.09 24.85
CA LYS A 205 11.32 -2.38 24.88
C LYS A 205 12.22 -3.56 25.27
N ARG A 206 13.56 -3.48 25.14
CA ARG A 206 14.44 -4.66 25.37
C ARG A 206 14.19 -5.21 26.78
N ARG A 207 14.02 -4.38 27.80
CA ARG A 207 13.75 -4.94 29.15
C ARG A 207 12.33 -4.63 29.60
N ASN A 208 11.42 -4.44 28.66
CA ASN A 208 10.00 -4.21 28.98
C ASN A 208 9.20 -4.71 27.80
N LEU A 209 9.33 -5.99 27.49
CA LEU A 209 8.67 -6.59 26.32
C LEU A 209 7.16 -6.47 26.50
N GLY A 210 6.43 -6.44 25.40
CA GLY A 210 4.95 -6.51 25.40
C GLY A 210 4.46 -7.66 24.54
N ASP A 211 3.14 -7.79 24.48
CA ASP A 211 2.40 -8.61 23.49
C ASP A 211 2.31 -7.76 22.23
N ASP A 212 3.41 -7.67 21.50
CA ASP A 212 3.45 -6.75 20.34
C ASP A 212 4.55 -7.17 19.38
N ILE A 213 4.51 -6.64 18.17
CA ILE A 213 5.37 -7.12 17.06
C ILE A 213 6.80 -6.63 17.31
N ILE A 214 7.01 -5.43 17.81
CA ILE A 214 8.42 -4.97 18.07
C ILE A 214 9.05 -5.94 19.09
N SER A 215 8.28 -6.43 20.05
CA SER A 215 8.84 -7.37 21.06
C SER A 215 9.26 -8.67 20.37
N LEU A 216 8.41 -9.14 19.47
CA LEU A 216 8.68 -10.32 18.64
C LEU A 216 9.99 -10.10 17.87
N LEU A 217 10.16 -8.96 17.21
CA LEU A 217 11.40 -8.69 16.47
C LEU A 217 12.61 -8.69 17.43
N ILE A 218 12.54 -7.98 18.55
CA ILE A 218 13.66 -7.90 19.50
C ILE A 218 14.04 -9.33 19.93
N GLN A 219 13.05 -10.15 20.23
CA GLN A 219 13.33 -11.55 20.65
C GLN A 219 14.08 -12.27 19.54
N ALA A 220 13.65 -12.06 18.29
CA ALA A 220 14.36 -12.69 17.16
C ALA A 220 15.81 -12.19 17.07
N GLU A 221 16.05 -10.88 17.21
CA GLU A 221 17.47 -10.42 17.20
C GLU A 221 18.28 -10.88 18.44
N GLU A 222 17.72 -10.72 19.65
CA GLU A 222 18.40 -11.13 20.91
C GLU A 222 18.54 -12.65 21.10
N ASP A 223 17.48 -13.39 20.80
CA ASP A 223 17.49 -14.86 21.10
C ASP A 223 17.90 -15.57 19.82
N GLY A 224 19.20 -15.57 19.56
CA GLY A 224 19.76 -16.16 18.33
C GLY A 224 20.05 -15.11 17.27
N ASP A 225 20.12 -15.56 16.01
CA ASP A 225 20.56 -14.70 14.87
C ASP A 225 19.54 -14.67 13.73
N ARG A 226 18.26 -14.92 14.01
CA ARG A 226 17.19 -14.78 13.01
C ARG A 226 17.18 -13.38 12.41
N LEU A 227 17.46 -12.36 13.22
CA LEU A 227 17.37 -10.94 12.78
C LEU A 227 18.61 -10.19 13.26
N SER A 228 19.27 -9.44 12.39
CA SER A 228 20.45 -8.60 12.74
C SER A 228 19.99 -7.37 13.50
N PRO A 229 20.80 -6.86 14.46
CA PRO A 229 20.54 -5.54 15.04
C PRO A 229 20.32 -4.39 14.05
N ASP A 230 20.98 -4.38 12.90
CA ASP A 230 20.80 -3.32 11.86
C ASP A 230 19.56 -3.56 11.00
N GLU A 231 18.77 -4.61 11.26
CA GLU A 231 17.50 -4.89 10.53
C GLU A 231 16.28 -4.68 11.40
N LEU A 232 16.42 -4.39 12.70
CA LEU A 232 15.27 -4.08 13.57
C LEU A 232 14.60 -2.82 13.08
N VAL A 233 15.34 -1.72 12.94
CA VAL A 233 14.67 -0.43 12.64
C VAL A 233 14.12 -0.48 11.21
N PRO A 234 14.85 -0.98 10.21
CA PRO A 234 14.23 -1.20 8.89
C PRO A 234 12.87 -1.92 8.96
N PHE A 235 12.84 -3.00 9.71
CA PHE A 235 11.62 -3.83 9.90
C PHE A 235 10.48 -2.98 10.47
N CYS A 236 10.76 -2.24 11.53
CA CYS A 236 9.81 -1.30 12.13
C CYS A 236 9.35 -0.29 11.09
N ASN A 237 10.29 0.31 10.36
CA ASN A 237 9.94 1.39 9.37
C ASN A 237 9.00 0.79 8.33
N LEU A 238 9.31 -0.41 7.86
CA LEU A 238 8.50 -1.04 6.80
C LEU A 238 7.09 -1.34 7.32
N LEU A 239 6.94 -1.93 8.50
CA LEU A 239 5.59 -2.27 8.98
C LEU A 239 4.82 -0.98 9.32
N LEU A 240 5.48 0.02 9.94
CA LEU A 240 4.75 1.28 10.28
C LEU A 240 4.23 1.89 8.98
N VAL A 241 5.11 2.08 8.03
CA VAL A 241 4.82 2.88 6.82
C VAL A 241 3.83 2.15 5.91
N ALA A 242 4.10 0.89 5.58
CA ALA A 242 3.17 0.05 4.80
C ALA A 242 1.81 -0.03 5.55
N GLY A 243 1.85 -0.18 6.86
CA GLY A 243 0.68 -0.45 7.71
C GLY A 243 -0.34 0.66 7.65
N ASN A 244 0.12 1.89 7.40
CA ASN A 244 -0.80 3.04 7.28
C ASN A 244 -0.92 3.50 5.82
N GLU A 245 0.18 3.65 5.05
CA GLU A 245 0.08 4.27 3.72
C GLU A 245 -0.83 3.43 2.81
N THR A 246 -0.84 2.10 2.96
CA THR A 246 -1.64 1.19 2.11
C THR A 246 -3.11 1.32 2.52
N THR A 247 -3.44 0.99 3.75
CA THR A 247 -4.83 0.91 4.24
C THR A 247 -5.49 2.30 4.20
N THR A 248 -4.76 3.38 4.50
CA THR A 248 -5.32 4.77 4.42
C THR A 248 -5.90 4.98 3.01
N ASN A 249 -5.06 4.75 2.02
CA ASN A 249 -5.34 5.03 0.60
C ASN A 249 -6.33 3.99 0.07
N LEU A 250 -6.31 2.74 0.54
CA LEU A 250 -7.34 1.74 0.12
C LEU A 250 -8.75 2.14 0.62
N ILE A 251 -8.89 2.61 1.85
CA ILE A 251 -10.20 3.12 2.36
C ILE A 251 -10.65 4.31 1.51
N SER A 252 -9.82 5.33 1.40
CA SER A 252 -10.11 6.56 0.62
C SER A 252 -10.49 6.20 -0.81
N ASN A 253 -9.68 5.34 -1.42
CA ASN A 253 -9.83 5.02 -2.85
C ASN A 253 -11.11 4.24 -3.04
N MET A 254 -11.42 3.39 -2.08
CA MET A 254 -12.64 2.55 -2.13
C MET A 254 -13.90 3.44 -2.02
N VAL A 255 -13.94 4.34 -1.04
CA VAL A 255 -15.09 5.28 -0.89
C VAL A 255 -15.21 6.09 -2.20
N TYR A 256 -14.11 6.62 -2.73
CA TYR A 256 -14.12 7.37 -4.01
C TYR A 256 -14.69 6.50 -5.12
N SER A 257 -14.26 5.23 -5.23
CA SER A 257 -14.72 4.26 -6.26
C SER A 257 -16.24 4.05 -6.14
N ILE A 258 -16.71 3.86 -4.90
CA ILE A 258 -18.15 3.70 -4.57
C ILE A 258 -18.95 4.93 -5.04
N LEU A 259 -18.52 6.13 -4.64
CA LEU A 259 -19.28 7.39 -4.92
C LEU A 259 -19.22 7.76 -6.40
N GLU A 260 -18.16 7.30 -7.11
CA GLU A 260 -17.99 7.47 -8.56
C GLU A 260 -19.07 6.73 -9.35
N LYS A 261 -19.66 5.69 -8.77
CA LYS A 261 -20.62 4.80 -9.46
C LYS A 261 -21.94 4.93 -8.71
N PRO A 262 -22.87 5.80 -9.19
CA PRO A 262 -24.09 6.12 -8.45
C PRO A 262 -24.87 4.86 -8.05
N GLY A 263 -25.40 4.82 -6.83
CA GLY A 263 -26.14 3.67 -6.31
C GLY A 263 -25.28 2.65 -5.59
N THR A 264 -23.95 2.67 -5.77
CA THR A 264 -23.07 1.65 -5.14
C THR A 264 -23.17 1.78 -3.62
N PHE A 265 -23.14 3.02 -3.11
CA PHE A 265 -23.22 3.34 -1.67
C PHE A 265 -24.43 2.62 -1.08
N ASP A 266 -25.61 2.81 -1.68
CA ASP A 266 -26.89 2.27 -1.15
C ASP A 266 -26.88 0.75 -1.25
N GLU A 267 -26.41 0.17 -2.37
CA GLU A 267 -26.26 -1.31 -2.51
C GLU A 267 -25.49 -1.83 -1.29
N LEU A 268 -24.27 -1.31 -1.08
CA LEU A 268 -23.41 -1.84 0.00
C LEU A 268 -24.09 -1.61 1.34
N ALA A 269 -24.65 -0.43 1.58
CA ALA A 269 -25.31 -0.12 2.87
C ALA A 269 -26.47 -1.10 3.09
N ASN A 270 -27.26 -1.34 2.04
CA ASN A 270 -28.47 -2.20 2.09
C ASN A 270 -28.08 -3.68 2.27
N GLN A 271 -26.84 -4.07 1.91
CA GLN A 271 -26.39 -5.48 2.04
C GLN A 271 -24.89 -5.48 2.34
N PRO A 272 -24.50 -5.19 3.60
CA PRO A 272 -23.09 -5.04 3.96
C PRO A 272 -22.27 -6.34 3.88
N ASP A 273 -22.91 -7.50 3.70
CA ASP A 273 -22.21 -8.79 3.48
C ASP A 273 -21.41 -8.73 2.15
N LEU A 274 -21.76 -7.80 1.25
CA LEU A 274 -21.02 -7.56 -0.03
C LEU A 274 -19.67 -6.84 0.21
N ILE A 275 -19.46 -6.30 1.39
CA ILE A 275 -18.33 -5.34 1.56
C ILE A 275 -16.99 -6.06 1.33
N PRO A 276 -16.72 -7.24 1.93
CA PRO A 276 -15.49 -7.98 1.62
C PRO A 276 -15.16 -8.13 0.12
N GLN A 277 -16.16 -8.51 -0.71
CA GLN A 277 -15.98 -8.53 -2.19
C GLN A 277 -15.60 -7.16 -2.72
N ALA A 278 -16.27 -6.12 -2.23
CA ALA A 278 -16.12 -4.75 -2.74
C ALA A 278 -14.69 -4.31 -2.36
N VAL A 279 -14.19 -4.74 -1.20
CA VAL A 279 -12.77 -4.47 -0.79
C VAL A 279 -11.83 -5.13 -1.80
N GLU A 280 -12.06 -6.38 -2.17
CA GLU A 280 -11.23 -7.04 -3.22
C GLU A 280 -11.32 -6.26 -4.52
N GLU A 281 -12.51 -5.74 -4.87
CA GLU A 281 -12.70 -4.98 -6.13
C GLU A 281 -11.93 -3.67 -6.03
N ALA A 282 -11.89 -3.02 -4.86
CA ALA A 282 -11.14 -1.77 -4.63
C ALA A 282 -9.64 -2.08 -4.74
N VAL A 283 -9.21 -3.25 -4.27
CA VAL A 283 -7.77 -3.66 -4.44
C VAL A 283 -7.48 -3.86 -5.94
N ARG A 284 -8.42 -4.39 -6.72
CA ARG A 284 -8.18 -4.56 -8.16
C ARG A 284 -8.17 -3.18 -8.83
N PHE A 285 -9.10 -2.33 -8.41
CA PHE A 285 -9.51 -1.13 -9.17
C PHE A 285 -8.69 0.12 -8.83
N ARG A 286 -8.42 0.38 -7.55
CA ARG A 286 -7.72 1.59 -7.07
C ARG A 286 -6.85 1.23 -5.87
N ALA A 287 -5.97 0.25 -6.06
CA ALA A 287 -5.09 -0.20 -4.97
C ALA A 287 -4.18 0.97 -4.57
N PRO A 288 -3.73 1.04 -3.28
CA PRO A 288 -2.73 2.03 -2.89
C PRO A 288 -1.35 1.76 -3.48
N ALA A 289 -1.10 0.52 -3.96
CA ALA A 289 0.24 0.08 -4.47
C ALA A 289 0.14 -0.24 -5.94
N PRO A 290 0.32 0.77 -6.81
CA PRO A 290 0.12 0.55 -8.25
C PRO A 290 1.24 -0.26 -8.91
N PHE A 291 2.40 -0.36 -8.28
CA PHE A 291 3.47 -1.11 -8.97
C PHE A 291 4.45 -1.67 -7.94
N THR A 292 5.27 -2.60 -8.39
CA THR A 292 6.50 -3.01 -7.65
C THR A 292 7.58 -3.20 -8.68
N SER A 293 8.78 -3.55 -8.24
CA SER A 293 9.94 -3.60 -9.15
C SER A 293 10.69 -4.91 -8.93
N ARG A 294 11.38 -5.32 -9.98
CA ARG A 294 12.24 -6.50 -9.94
C ARG A 294 13.52 -6.20 -10.69
N ILE A 295 14.51 -7.06 -10.53
CA ILE A 295 15.72 -6.99 -11.40
C ILE A 295 15.84 -8.36 -12.04
N VAL A 296 16.07 -8.39 -13.35
CA VAL A 296 16.34 -9.65 -14.07
C VAL A 296 17.62 -10.26 -13.54
N GLN A 297 17.58 -11.52 -13.13
CA GLN A 297 18.82 -12.20 -12.67
C GLN A 297 19.20 -13.34 -13.63
N GLN A 298 18.44 -13.52 -14.71
CA GLN A 298 18.66 -14.57 -15.71
C GLN A 298 17.99 -14.10 -17.01
N ASP A 299 18.73 -14.10 -18.12
CA ASP A 299 18.18 -13.70 -19.45
C ASP A 299 16.89 -14.47 -19.71
N THR A 300 15.90 -13.77 -20.22
CA THR A 300 14.55 -14.35 -20.48
C THR A 300 13.89 -13.49 -21.57
N ALA A 301 12.66 -13.79 -21.89
CA ALA A 301 11.89 -13.01 -22.86
C ALA A 301 10.46 -12.96 -22.37
N ILE A 302 9.79 -11.87 -22.69
CA ILE A 302 8.32 -11.71 -22.48
C ILE A 302 7.82 -11.17 -23.81
N ARG A 303 6.77 -11.78 -24.36
CA ARG A 303 6.19 -11.40 -25.68
C ARG A 303 7.33 -11.24 -26.68
N GLY A 304 8.25 -12.20 -26.71
CA GLY A 304 9.37 -12.27 -27.66
C GLY A 304 10.38 -11.14 -27.46
N VAL A 305 10.20 -10.29 -26.44
CA VAL A 305 11.16 -9.21 -26.11
C VAL A 305 12.19 -9.80 -25.15
N ASN A 306 13.47 -9.62 -25.45
CA ASN A 306 14.60 -10.18 -24.68
C ASN A 306 14.95 -9.27 -23.49
N LEU A 307 15.06 -9.86 -22.29
CA LEU A 307 15.43 -9.14 -21.06
C LEU A 307 16.75 -9.71 -20.59
N LYS A 308 17.65 -8.86 -20.14
CA LYS A 308 19.02 -9.34 -19.83
C LYS A 308 19.22 -9.19 -18.34
N LYS A 309 20.07 -10.05 -17.81
CA LYS A 309 20.56 -9.98 -16.42
C LYS A 309 20.95 -8.55 -16.11
N GLY A 310 20.48 -8.07 -14.97
CA GLY A 310 20.82 -6.77 -14.40
C GLY A 310 19.87 -5.67 -14.82
N GLU A 311 18.94 -5.94 -15.75
CA GLU A 311 17.93 -4.96 -16.22
C GLU A 311 16.77 -4.85 -15.22
N GLY A 312 16.45 -3.63 -14.85
CA GLY A 312 15.35 -3.40 -13.90
C GLY A 312 14.02 -3.51 -14.62
N VAL A 313 13.00 -3.93 -13.90
CA VAL A 313 11.64 -4.09 -14.47
C VAL A 313 10.69 -3.48 -13.46
N ILE A 314 9.84 -2.56 -13.91
CA ILE A 314 8.65 -2.13 -13.14
C ILE A 314 7.42 -2.92 -13.60
N ALA A 315 6.70 -3.49 -12.65
CA ALA A 315 5.50 -4.33 -12.84
C ALA A 315 4.28 -3.52 -12.40
N PHE A 316 3.49 -3.02 -13.35
CA PHE A 316 2.30 -2.19 -13.05
C PHE A 316 1.13 -3.07 -12.67
N LEU A 317 1.03 -3.42 -11.38
CA LEU A 317 -0.11 -4.14 -10.78
C LEU A 317 -1.43 -3.47 -11.14
N ALA A 318 -1.45 -2.13 -11.06
CA ALA A 318 -2.70 -1.37 -11.34
C ALA A 318 -3.12 -1.62 -12.80
N SER A 319 -2.16 -1.62 -13.72
CA SER A 319 -2.44 -1.88 -15.15
C SER A 319 -2.84 -3.33 -15.35
N ALA A 320 -2.10 -4.30 -14.76
CA ALA A 320 -2.45 -5.74 -14.80
C ALA A 320 -3.91 -5.91 -14.39
N ASN A 321 -4.32 -5.21 -13.35
CA ASN A 321 -5.66 -5.43 -12.74
C ASN A 321 -6.75 -4.75 -13.61
N ARG A 322 -6.36 -3.97 -14.61
CA ARG A 322 -7.35 -3.32 -15.52
C ARG A 322 -7.28 -3.96 -16.91
N ASP A 323 -6.48 -5.03 -17.05
CA ASP A 323 -6.17 -5.68 -18.35
C ASP A 323 -7.49 -6.20 -18.94
N GLU A 324 -7.86 -5.70 -20.11
CA GLU A 324 -9.08 -6.11 -20.87
C GLU A 324 -9.06 -7.63 -21.09
N ALA A 325 -7.89 -8.23 -21.31
CA ALA A 325 -7.69 -9.68 -21.56
C ALA A 325 -7.98 -10.52 -20.30
N ALA A 326 -7.83 -9.96 -19.09
CA ALA A 326 -7.96 -10.70 -17.81
C ALA A 326 -9.34 -10.52 -17.16
N PHE A 327 -9.97 -9.36 -17.34
CA PHE A 327 -11.24 -8.98 -16.69
C PHE A 327 -12.24 -8.43 -17.72
N GLU A 328 -13.51 -8.80 -17.59
CA GLU A 328 -14.63 -8.23 -18.38
C GLU A 328 -15.02 -6.89 -17.74
N ARG A 329 -15.22 -5.85 -18.54
CA ARG A 329 -15.49 -4.49 -18.04
C ARG A 329 -14.44 -4.12 -16.98
N ALA A 330 -13.16 -4.29 -17.32
CA ALA A 330 -11.97 -4.07 -16.43
C ALA A 330 -11.96 -2.62 -15.92
N HIS A 331 -12.51 -1.67 -16.70
CA HIS A 331 -12.65 -0.21 -16.39
C HIS A 331 -13.80 0.08 -15.39
N GLU A 332 -14.60 -0.92 -15.04
CA GLU A 332 -15.78 -0.75 -14.17
C GLU A 332 -15.52 -1.28 -12.76
N PHE A 333 -15.93 -0.52 -11.75
CA PHE A 333 -15.98 -0.96 -10.33
C PHE A 333 -17.24 -1.78 -10.11
N ASP A 334 -17.08 -3.09 -9.93
CA ASP A 334 -18.19 -4.06 -9.89
C ASP A 334 -18.10 -4.87 -8.60
N ILE A 335 -18.83 -4.45 -7.58
CA ILE A 335 -18.87 -5.14 -6.25
C ILE A 335 -19.24 -6.61 -6.42
N HIS A 336 -19.89 -6.98 -7.52
CA HIS A 336 -20.38 -8.35 -7.79
C HIS A 336 -19.39 -9.12 -8.69
N ARG A 337 -18.12 -8.73 -8.76
CA ARG A 337 -17.15 -9.46 -9.63
C ARG A 337 -17.00 -10.85 -9.02
N HIS A 338 -17.55 -11.88 -9.71
CA HIS A 338 -17.71 -13.30 -9.26
C HIS A 338 -16.38 -14.05 -9.38
N PRO A 339 -15.60 -13.82 -10.46
CA PRO A 339 -14.32 -14.50 -10.66
C PRO A 339 -13.02 -13.70 -10.39
N ASN A 340 -13.04 -12.64 -9.58
CA ASN A 340 -11.92 -11.66 -9.43
C ASN A 340 -10.61 -12.30 -8.90
N ARG A 341 -9.61 -12.43 -9.77
CA ARG A 341 -8.28 -13.01 -9.43
C ARG A 341 -7.28 -11.88 -9.64
N HIS A 342 -7.53 -10.73 -9.02
CA HIS A 342 -6.63 -9.57 -9.06
C HIS A 342 -5.30 -9.99 -8.41
N ILE A 343 -4.22 -9.34 -8.82
CA ILE A 343 -2.86 -9.48 -8.21
C ILE A 343 -2.48 -8.19 -7.47
N GLY A 344 -3.47 -7.53 -6.87
CA GLY A 344 -3.29 -6.22 -6.21
C GLY A 344 -2.46 -6.32 -4.94
N PHE A 345 -2.40 -7.49 -4.31
CA PHE A 345 -1.56 -7.81 -3.12
C PHE A 345 -0.26 -8.47 -3.56
N GLY A 346 -0.02 -8.56 -4.87
CA GLY A 346 1.14 -9.27 -5.45
C GLY A 346 0.85 -10.75 -5.68
N HIS A 347 1.90 -11.54 -5.93
CA HIS A 347 1.76 -12.98 -6.25
C HIS A 347 3.12 -13.65 -5.95
N GLY A 348 3.10 -14.75 -5.23
CA GLY A 348 4.28 -15.60 -4.98
C GLY A 348 4.83 -15.25 -3.62
N ILE A 349 6.16 -15.26 -3.45
CA ILE A 349 6.71 -15.35 -2.06
C ILE A 349 6.59 -13.98 -1.36
N HIS A 350 6.53 -12.87 -2.10
CA HIS A 350 6.43 -11.49 -1.55
C HIS A 350 4.96 -11.05 -1.44
N PHE A 351 4.02 -11.98 -1.65
CA PHE A 351 2.58 -11.71 -1.48
C PHE A 351 2.38 -10.89 -0.19
N CYS A 352 1.66 -9.77 -0.27
CA CYS A 352 1.50 -8.81 0.88
C CYS A 352 1.28 -9.53 2.21
N LEU A 353 2.20 -9.33 3.15
CA LEU A 353 2.09 -9.79 4.54
C LEU A 353 0.89 -9.13 5.22
N GLY A 354 0.55 -7.91 4.85
CA GLY A 354 -0.54 -7.18 5.55
C GLY A 354 -1.90 -7.42 4.95
N ALA A 355 -2.04 -8.29 3.96
CA ALA A 355 -3.34 -8.41 3.24
C ALA A 355 -4.46 -8.74 4.22
N PRO A 356 -4.29 -9.72 5.16
CA PRO A 356 -5.37 -10.03 6.11
C PRO A 356 -5.74 -8.80 6.95
N LEU A 357 -4.74 -8.09 7.48
CA LEU A 357 -5.01 -6.89 8.31
C LEU A 357 -5.75 -5.84 7.47
N ALA A 358 -5.25 -5.59 6.26
CA ALA A 358 -5.78 -4.58 5.33
C ALA A 358 -7.24 -4.93 5.01
N ARG A 359 -7.48 -6.19 4.72
CA ARG A 359 -8.87 -6.67 4.41
C ARG A 359 -9.76 -6.39 5.61
N LEU A 360 -9.25 -6.64 6.81
CA LEU A 360 -10.05 -6.57 8.07
C LEU A 360 -10.32 -5.11 8.39
N GLU A 361 -9.31 -4.23 8.32
CA GLU A 361 -9.46 -2.79 8.61
C GLU A 361 -10.43 -2.14 7.62
N THR A 362 -10.28 -2.43 6.35
CA THR A 362 -11.04 -1.78 5.25
C THR A 362 -12.51 -2.19 5.40
N LYS A 363 -12.77 -3.48 5.62
CA LYS A 363 -14.14 -4.01 5.89
C LYS A 363 -14.81 -3.19 6.98
N ILE A 364 -14.14 -3.08 8.11
CA ILE A 364 -14.69 -2.45 9.34
C ILE A 364 -14.91 -0.98 9.06
N ALA A 365 -13.90 -0.29 8.47
CA ALA A 365 -13.95 1.13 8.08
C ALA A 365 -15.25 1.37 7.29
N LEU A 366 -15.50 0.55 6.27
CA LEU A 366 -16.61 0.75 5.30
C LEU A 366 -17.96 0.42 5.93
N GLU A 367 -18.03 -0.65 6.74
CA GLU A 367 -19.24 -1.03 7.54
C GLU A 367 -19.63 0.18 8.38
N ALA A 368 -18.66 0.80 9.07
CA ALA A 368 -18.89 2.00 9.90
C ALA A 368 -19.43 3.16 9.06
N LEU A 369 -18.80 3.48 7.92
CA LEU A 369 -19.18 4.66 7.12
C LEU A 369 -20.60 4.46 6.56
N LEU A 370 -20.97 3.23 6.19
CA LEU A 370 -22.24 2.93 5.48
C LEU A 370 -23.39 2.91 6.51
N LYS A 371 -23.11 2.63 7.79
CA LYS A 371 -24.07 2.74 8.92
C LYS A 371 -24.16 4.20 9.40
N GLN A 372 -23.04 4.93 9.44
CA GLN A 372 -23.02 6.31 9.98
C GLN A 372 -23.71 7.29 9.02
N TYR A 373 -23.56 7.12 7.71
CA TYR A 373 -23.92 8.18 6.73
C TYR A 373 -24.93 7.66 5.71
N SER A 374 -26.09 8.34 5.58
CA SER A 374 -27.13 7.97 4.61
C SER A 374 -26.78 8.61 3.27
N ALA A 375 -25.97 9.67 3.28
CA ALA A 375 -25.40 10.18 2.00
C ALA A 375 -23.98 10.70 2.23
N MET A 376 -23.13 10.59 1.21
CA MET A 376 -21.82 11.26 1.15
C MET A 376 -21.60 11.79 -0.26
N GLU A 377 -21.13 13.01 -0.38
CA GLU A 377 -20.90 13.61 -1.72
C GLU A 377 -19.53 14.30 -1.71
N THR A 378 -18.74 14.06 -2.75
CA THR A 378 -17.41 14.69 -2.91
C THR A 378 -17.55 16.20 -3.05
N ILE A 379 -16.76 16.94 -2.29
CA ILE A 379 -16.59 18.41 -2.48
C ILE A 379 -15.28 18.63 -3.24
N SER A 380 -14.18 18.12 -2.70
CA SER A 380 -12.86 18.27 -3.30
C SER A 380 -12.01 17.04 -2.94
N THR A 381 -10.90 16.91 -3.65
CA THR A 381 -9.82 15.98 -3.29
C THR A 381 -8.52 16.70 -3.56
N GLU A 382 -7.47 16.27 -2.87
CA GLU A 382 -6.09 16.61 -3.27
C GLU A 382 -5.37 15.27 -3.36
N PRO A 383 -4.91 14.85 -4.54
CA PRO A 383 -4.28 13.54 -4.68
C PRO A 383 -2.92 13.47 -4.00
N MET A 384 -2.50 12.25 -3.71
CA MET A 384 -1.09 12.01 -3.40
C MET A 384 -0.29 12.15 -4.70
N ALA A 385 0.35 13.29 -4.87
CA ALA A 385 1.17 13.52 -6.06
C ALA A 385 2.60 13.12 -5.70
N ASN A 386 3.44 12.79 -6.67
CA ASN A 386 4.87 12.60 -6.41
C ASN A 386 5.06 11.50 -5.35
N SER A 387 4.42 10.33 -5.54
CA SER A 387 4.37 9.25 -4.54
C SER A 387 4.49 7.89 -5.24
N PHE A 388 5.05 6.91 -4.53
CA PHE A 388 4.99 5.47 -4.87
C PHE A 388 3.54 5.05 -4.71
N MET A 389 2.76 5.76 -3.89
CA MET A 389 1.39 5.30 -3.52
C MET A 389 0.41 5.95 -4.49
N TYR A 390 -0.75 5.33 -4.61
CA TYR A 390 -1.89 5.83 -5.37
C TYR A 390 -2.96 6.15 -4.34
N GLY A 391 -3.30 7.43 -4.20
CA GLY A 391 -4.40 7.76 -3.28
C GLY A 391 -4.57 9.26 -3.05
N LEU A 392 -5.16 9.62 -1.93
CA LEU A 392 -5.65 11.00 -1.66
C LEU A 392 -4.98 11.59 -0.40
N LYS A 393 -4.38 12.78 -0.52
CA LYS A 393 -3.88 13.54 0.66
C LYS A 393 -5.09 14.16 1.39
N HIS A 394 -6.10 14.59 0.65
CA HIS A 394 -7.36 15.14 1.22
C HIS A 394 -8.57 14.67 0.41
N PHE A 395 -9.70 14.49 1.10
CA PHE A 395 -10.95 13.98 0.53
C PHE A 395 -12.08 14.63 1.30
N ARG A 396 -12.41 15.87 0.92
CA ARG A 396 -13.54 16.64 1.50
C ARG A 396 -14.88 16.13 0.97
N LEU A 397 -15.81 15.80 1.85
CA LEU A 397 -17.15 15.28 1.50
C LEU A 397 -18.21 16.05 2.28
N HIS A 398 -19.34 16.34 1.62
CA HIS A 398 -20.59 16.75 2.29
C HIS A 398 -21.28 15.47 2.73
N VAL A 399 -21.67 15.38 4.00
CA VAL A 399 -22.23 14.12 4.58
C VAL A 399 -23.56 14.40 5.24
N LYS A 400 -24.45 13.43 5.18
CA LYS A 400 -25.74 13.47 5.89
C LYS A 400 -25.74 12.24 6.81
N GLU A 401 -25.83 12.45 8.12
CA GLU A 401 -25.83 11.32 9.09
C GLU A 401 -27.16 10.58 8.98
N ALA A 402 -27.13 9.26 8.96
CA ALA A 402 -28.34 8.41 8.92
C ALA A 402 -29.17 8.66 10.20
N LEU A 403 -30.50 8.56 10.08
CA LEU A 403 -31.47 8.38 11.19
C LEU A 403 -31.29 6.98 11.82
N LEU A 404 -31.14 6.90 13.13
CA LEU A 404 -30.80 5.63 13.84
C LEU A 404 -32.05 5.09 14.55
CHA HEM B . 4.03 -6.53 0.21
CHB HEM B . 0.20 -4.42 -1.60
CHC HEM B . -1.42 -3.59 2.89
CHD HEM B . 2.90 -4.91 4.59
C1A HEM B . 3.08 -6.11 -0.64
C2A HEM B . 3.11 -6.38 -2.05
C3A HEM B . 2.04 -5.73 -2.57
C4A HEM B . 1.38 -5.08 -1.49
CMA HEM B . 1.65 -5.71 -4.01
CAA HEM B . 4.09 -7.18 -2.86
CBA HEM B . 5.30 -6.33 -3.22
CGA HEM B . 6.26 -7.06 -4.10
O1A HEM B . 7.37 -6.56 -4.36
O2A HEM B . 5.99 -8.15 -4.63
C1B HEM B . -0.59 -4.02 -0.48
C2B HEM B . -1.89 -3.42 -0.66
C3B HEM B . -2.36 -3.20 0.59
C4B HEM B . -1.31 -3.69 1.54
CMB HEM B . -2.64 -3.18 -1.95
CAB HEM B . -3.67 -2.62 0.90
CBB HEM B . -4.01 -2.03 2.04
C1C HEM B . -0.37 -3.83 3.77
C2C HEM B . -0.39 -3.60 5.16
C3C HEM B . 0.86 -3.92 5.64
C4C HEM B . 1.62 -4.41 4.51
CMC HEM B . -1.56 -3.04 5.95
CAC HEM B . 1.40 -3.98 7.00
CBC HEM B . 0.60 -4.29 7.99
C1D HEM B . 3.55 -5.50 3.50
C2D HEM B . 4.89 -6.17 3.62
C3D HEM B . 5.18 -6.63 2.41
C4D HEM B . 4.04 -6.26 1.55
CMD HEM B . 5.69 -6.30 4.85
CAD HEM B . 6.44 -7.40 2.00
CBD HEM B . 6.25 -8.87 1.82
CGD HEM B . 7.53 -9.53 1.37
O1D HEM B . 8.44 -8.90 0.81
O2D HEM B . 7.69 -10.76 1.58
NA HEM B . 2.04 -5.37 -0.31
NB HEM B . -0.29 -4.09 0.79
NC HEM B . 0.87 -4.34 3.40
ND HEM B . 3.15 -5.56 2.25
FE HEM B . 1.48 -4.93 1.53
N1 IMD C . 3.59 -2.21 -0.80
C2 IMD C . 2.53 -2.40 -0.04
N3 IMD C . 2.94 -2.70 1.15
C4 IMD C . 4.31 -2.67 1.16
C5 IMD C . 4.69 -2.64 -0.11
CA CA D . 18.82 -7.06 -0.78
CA CA E . 21.53 -11.94 17.67
#